data_1RK8
#
_entry.id   1RK8
#
_cell.length_a   106.357
_cell.length_b   106.357
_cell.length_c   58.139
_cell.angle_alpha   90.00
_cell.angle_beta   90.00
_cell.angle_gamma   90.00
#
_symmetry.space_group_name_H-M   'P 43 21 2'
#
loop_
_entity.id
_entity.type
_entity.pdbx_description
1 polymer 'CG8781-PA protein'
2 polymer 'Mago nashi protein'
3 polymer 'Within the bgcn gene intron protein'
4 non-polymer 'CALCIUM ION'
5 water water
#
loop_
_entity_poly.entity_id
_entity_poly.type
_entity_poly.pdbx_seq_one_letter_code
_entity_poly.pdbx_strand_id
1 'polypeptide(L)'
;MADVLDIDNAEEFEVDEDGDQGIVRLKEKAKHRKGRGFGSDSNTREAIHSYERVRNEDDDELEPGPQRSVEGWILFVTSI
HEEAQEDEIQEKFCDYGEIKNIHLNLDRRTGFSKGYALVEYETHKQALAAKEALNGAEIMGQTIQVDWCFVKGPKRVKKS
EKRRR
;
A
2 'polypeptide(L)'
;MSTEDFYLRYYVGHKGKFGHEFLEFEFRPDGKLRYANNSNYKNDTMIRKEAFVHQSVMEELKRIIIDSEIMQEDDLPWPP
PDRVGRQELEIVIGDEHISFTTSKTGSLVDVNRSKDPEGLRCFYYLVQDLKCLVFSLIGLHFKIKPI
;
B
3 'polypeptide(L)' MSTYLQSSEGKFIPATKRPDGTWRKARRVKDGYVPQEEVPLYESKGKQFVAQRQAGVP C
#
loop_
_chem_comp.id
_chem_comp.type
_chem_comp.name
_chem_comp.formula
CA non-polymer 'CALCIUM ION' 'Ca 2'
#
# COMPACT_ATOMS: atom_id res chain seq x y z
N PRO A 66 -15.84 9.87 -12.91
CA PRO A 66 -14.53 9.19 -12.89
C PRO A 66 -13.59 9.72 -13.96
N GLN A 67 -12.39 9.15 -13.99
CA GLN A 67 -11.37 9.54 -14.95
C GLN A 67 -10.78 8.30 -15.60
N ARG A 68 -10.81 8.24 -16.92
CA ARG A 68 -10.29 7.10 -17.65
C ARG A 68 -8.76 7.16 -17.69
N SER A 69 -8.13 6.00 -17.85
CA SER A 69 -6.69 5.91 -17.90
C SER A 69 -6.17 6.00 -19.34
N VAL A 70 -4.86 6.13 -19.49
CA VAL A 70 -4.23 6.25 -20.79
C VAL A 70 -4.57 5.03 -21.65
N GLY A 72 -7.47 2.58 -20.79
CA GLY A 72 -8.58 1.82 -20.25
C GLY A 72 -9.20 2.49 -19.04
N TRP A 73 -10.22 1.84 -18.48
CA TRP A 73 -10.92 2.36 -17.30
C TRP A 73 -10.50 1.51 -16.10
N ILE A 74 -10.16 2.16 -14.99
CA ILE A 74 -9.70 1.42 -13.82
C ILE A 74 -10.58 1.50 -12.57
N LEU A 75 -10.83 0.33 -11.97
CA LEU A 75 -11.62 0.22 -10.76
C LEU A 75 -10.71 -0.09 -9.59
N PHE A 76 -11.10 0.38 -8.41
CA PHE A 76 -10.34 0.14 -7.19
C PHE A 76 -11.25 -0.69 -6.29
N VAL A 77 -10.81 -1.91 -5.98
CA VAL A 77 -11.56 -2.85 -5.18
C VAL A 77 -10.96 -2.94 -3.77
N THR A 78 -11.81 -2.83 -2.75
CA THR A 78 -11.33 -2.90 -1.38
C THR A 78 -12.11 -3.91 -0.55
N SER A 79 -11.61 -4.15 0.66
CA SER A 79 -12.21 -5.11 1.57
C SER A 79 -12.13 -6.52 1.00
N ILE A 80 -10.99 -6.83 0.39
CA ILE A 80 -10.75 -8.14 -0.19
C ILE A 80 -10.15 -9.05 0.88
N HIS A 81 -10.67 -10.27 0.98
CA HIS A 81 -10.19 -11.26 1.94
C HIS A 81 -8.68 -11.44 1.87
N GLU A 82 -8.02 -11.52 3.01
CA GLU A 82 -6.57 -11.67 3.07
C GLU A 82 -6.00 -12.90 2.37
N GLU A 83 -6.79 -13.96 2.24
CA GLU A 83 -6.32 -15.17 1.59
C GLU A 83 -6.84 -15.31 0.17
N ALA A 84 -7.32 -14.20 -0.39
CA ALA A 84 -7.80 -14.22 -1.76
C ALA A 84 -6.59 -14.19 -2.67
N GLN A 85 -6.70 -14.83 -3.82
CA GLN A 85 -5.62 -14.86 -4.80
C GLN A 85 -6.15 -14.26 -6.09
N GLU A 86 -5.32 -14.16 -7.13
CA GLU A 86 -5.82 -13.55 -8.35
C GLU A 86 -7.05 -14.23 -8.93
N ASP A 87 -7.17 -15.55 -8.78
CA ASP A 87 -8.33 -16.21 -9.35
C ASP A 87 -9.64 -15.74 -8.70
N GLU A 88 -9.58 -15.29 -7.45
CA GLU A 88 -10.78 -14.80 -6.78
C GLU A 88 -11.29 -13.58 -7.52
N ILE A 89 -10.36 -12.75 -7.97
CA ILE A 89 -10.72 -11.53 -8.68
C ILE A 89 -11.18 -11.87 -10.10
N GLN A 90 -10.41 -12.71 -10.79
CA GLN A 90 -10.75 -13.08 -12.16
C GLN A 90 -12.13 -13.74 -12.28
N GLU A 91 -12.43 -14.66 -11.36
CA GLU A 91 -13.71 -15.34 -11.42
C GLU A 91 -14.90 -14.45 -11.14
N LYS A 92 -14.69 -13.42 -10.34
CA LYS A 92 -15.75 -12.48 -10.02
C LYS A 92 -15.91 -11.39 -11.09
N PHE A 93 -14.78 -10.93 -11.63
CA PHE A 93 -14.82 -9.85 -12.60
C PHE A 93 -14.82 -10.19 -14.09
N CYS A 94 -14.45 -11.41 -14.44
CA CYS A 94 -14.39 -11.79 -15.86
C CYS A 94 -15.72 -11.75 -16.61
N ASP A 95 -16.83 -11.93 -15.90
CA ASP A 95 -18.13 -11.93 -16.54
C ASP A 95 -18.55 -10.60 -17.16
N TYR A 96 -18.07 -9.49 -16.59
CA TYR A 96 -18.47 -8.17 -17.06
C TYR A 96 -17.61 -7.53 -18.14
N GLY A 97 -16.77 -8.31 -18.79
CA GLY A 97 -15.92 -7.76 -19.84
C GLY A 97 -14.52 -8.31 -19.83
N GLU A 98 -13.73 -7.88 -20.81
CA GLU A 98 -12.34 -8.31 -20.95
C GLU A 98 -11.43 -7.55 -19.99
N ILE A 99 -10.78 -8.27 -19.08
CA ILE A 99 -9.89 -7.66 -18.10
C ILE A 99 -8.48 -7.48 -18.65
N LYS A 100 -8.04 -6.23 -18.76
CA LYS A 100 -6.71 -5.93 -19.29
C LYS A 100 -5.63 -6.14 -18.24
N ASN A 101 -5.91 -5.75 -16.99
CA ASN A 101 -4.96 -5.90 -15.91
C ASN A 101 -5.63 -6.09 -14.55
N ILE A 102 -4.97 -6.86 -13.70
CA ILE A 102 -5.42 -7.09 -12.34
C ILE A 102 -4.20 -6.97 -11.46
N HIS A 103 -4.21 -6.03 -10.53
CA HIS A 103 -3.12 -5.89 -9.59
C HIS A 103 -3.68 -6.16 -8.20
N LEU A 104 -3.55 -7.40 -7.74
CA LEU A 104 -4.00 -7.79 -6.40
C LEU A 104 -2.68 -7.81 -5.64
N ASN A 105 -2.33 -6.66 -5.08
CA ASN A 105 -1.06 -6.54 -4.39
C ASN A 105 -0.88 -7.28 -3.08
N LEU A 106 0.28 -7.92 -2.99
CA LEU A 106 0.65 -8.74 -1.86
C LEU A 106 1.36 -7.98 -0.74
N ASP A 107 1.14 -8.43 0.50
CA ASP A 107 1.80 -7.85 1.66
C ASP A 107 3.01 -8.77 1.77
N ARG A 108 4.17 -8.30 1.32
CA ARG A 108 5.38 -9.12 1.34
C ARG A 108 5.85 -9.55 2.73
N ARG A 109 5.34 -8.89 3.77
CA ARG A 109 5.75 -9.24 5.11
C ARG A 109 4.96 -10.43 5.65
N THR A 110 3.69 -10.53 5.27
CA THR A 110 2.84 -11.62 5.76
C THR A 110 2.46 -12.67 4.71
N GLY A 111 2.59 -12.32 3.44
CA GLY A 111 2.22 -13.26 2.39
C GLY A 111 0.74 -13.17 2.03
N PHE A 112 -0.03 -12.39 2.80
CA PHE A 112 -1.46 -12.23 2.53
C PHE A 112 -1.68 -11.14 1.49
N SER A 113 -2.89 -11.08 0.94
CA SER A 113 -3.21 -10.03 -0.03
C SER A 113 -3.34 -8.80 0.86
N LYS A 114 -2.84 -7.66 0.40
CA LYS A 114 -2.89 -6.46 1.21
C LYS A 114 -4.33 -6.03 1.52
N GLY A 115 -5.25 -6.34 0.61
CA GLY A 115 -6.65 -5.99 0.84
C GLY A 115 -7.33 -5.21 -0.26
N TYR A 116 -6.58 -4.80 -1.28
CA TYR A 116 -7.16 -4.03 -2.38
C TYR A 116 -6.67 -4.54 -3.72
N ALA A 117 -7.36 -4.17 -4.78
CA ALA A 117 -6.95 -4.58 -6.12
C ALA A 117 -7.35 -3.52 -7.13
N LEU A 118 -6.54 -3.38 -8.17
CA LEU A 118 -6.86 -2.48 -9.26
C LEU A 118 -7.26 -3.41 -10.39
N VAL A 119 -8.39 -3.11 -11.02
CA VAL A 119 -8.90 -3.93 -12.11
C VAL A 119 -9.19 -3.01 -13.29
N GLU A 120 -8.53 -3.29 -14.41
CA GLU A 120 -8.70 -2.48 -15.61
C GLU A 120 -9.38 -3.24 -16.75
N TYR A 121 -10.52 -2.72 -17.19
CA TYR A 121 -11.27 -3.28 -18.31
C TYR A 121 -10.89 -2.51 -19.55
N GLU A 122 -11.23 -3.07 -20.72
CA GLU A 122 -10.93 -2.40 -21.96
C GLU A 122 -11.80 -1.18 -22.20
N THR A 123 -13.05 -1.24 -21.76
CA THR A 123 -13.96 -0.13 -21.98
C THR A 123 -14.66 0.38 -20.72
N HIS A 124 -15.24 1.56 -20.84
CA HIS A 124 -15.96 2.19 -19.73
C HIS A 124 -17.27 1.47 -19.42
N LYS A 125 -17.96 1.02 -20.45
CA LYS A 125 -19.23 0.32 -20.26
C LYS A 125 -18.99 -0.91 -19.39
N GLN A 126 -17.92 -1.62 -19.66
CA GLN A 126 -17.56 -2.82 -18.90
C GLN A 126 -17.28 -2.47 -17.44
N ALA A 127 -16.41 -1.49 -17.21
CA ALA A 127 -16.06 -1.09 -15.84
C ALA A 127 -17.30 -0.63 -15.08
N LEU A 128 -18.17 0.13 -15.75
CA LEU A 128 -19.39 0.64 -15.11
C LEU A 128 -20.30 -0.51 -14.74
N ALA A 129 -20.42 -1.49 -15.64
CA ALA A 129 -21.27 -2.66 -15.38
C ALA A 129 -20.73 -3.44 -14.19
N ALA A 130 -19.41 -3.63 -14.15
CA ALA A 130 -18.78 -4.37 -13.07
C ALA A 130 -19.00 -3.68 -11.73
N LYS A 131 -18.75 -2.38 -11.71
CA LYS A 131 -18.90 -1.56 -10.51
C LYS A 131 -20.33 -1.64 -9.96
N GLU A 132 -21.31 -1.53 -10.84
CA GLU A 132 -22.71 -1.57 -10.41
C GLU A 132 -23.12 -2.94 -9.86
N ALA A 133 -22.61 -4.00 -10.47
CA ALA A 133 -22.96 -5.34 -10.04
C ALA A 133 -22.11 -5.92 -8.91
N LEU A 134 -20.85 -5.54 -8.85
CA LEU A 134 -19.94 -6.08 -7.85
C LEU A 134 -19.73 -5.32 -6.56
N ASN A 135 -20.15 -4.05 -6.50
CA ASN A 135 -20.01 -3.32 -5.24
C ASN A 135 -21.02 -4.00 -4.32
N GLY A 136 -20.54 -4.53 -3.20
CA GLY A 136 -21.44 -5.23 -2.29
C GLY A 136 -21.43 -6.74 -2.47
N ALA A 137 -20.76 -7.22 -3.52
CA ALA A 137 -20.66 -8.65 -3.75
C ALA A 137 -19.71 -9.23 -2.70
N GLU A 138 -19.60 -10.55 -2.65
CA GLU A 138 -18.73 -11.20 -1.69
C GLU A 138 -17.65 -12.06 -2.33
N ILE A 139 -16.43 -11.94 -1.80
CA ILE A 139 -15.31 -12.76 -2.25
C ILE A 139 -14.89 -13.49 -0.98
N MET A 140 -14.99 -14.81 -1.02
CA MET A 140 -14.64 -15.65 0.13
C MET A 140 -15.42 -15.25 1.39
N GLY A 141 -16.70 -14.95 1.19
CA GLY A 141 -17.57 -14.60 2.28
C GLY A 141 -17.48 -13.19 2.83
N GLN A 142 -16.55 -12.39 2.31
CA GLN A 142 -16.36 -11.03 2.78
C GLN A 142 -16.81 -10.03 1.72
N THR A 143 -17.63 -9.05 2.15
CA THR A 143 -18.16 -8.05 1.25
C THR A 143 -17.10 -7.10 0.71
N ILE A 144 -17.03 -6.97 -0.60
CA ILE A 144 -16.05 -6.09 -1.22
C ILE A 144 -16.71 -4.77 -1.63
N GLN A 145 -15.90 -3.74 -1.81
CA GLN A 145 -16.38 -2.45 -2.27
C GLN A 145 -15.67 -2.25 -3.61
N VAL A 146 -16.38 -1.73 -4.60
CA VAL A 146 -15.81 -1.49 -5.93
C VAL A 146 -16.13 -0.06 -6.34
N ASP A 147 -15.08 0.71 -6.57
CA ASP A 147 -15.20 2.10 -6.94
C ASP A 147 -14.33 2.48 -8.11
N TRP A 148 -14.54 3.69 -8.62
CA TRP A 148 -13.68 4.20 -9.69
C TRP A 148 -12.38 4.46 -8.96
N CYS A 149 -11.26 4.26 -9.64
CA CYS A 149 -9.95 4.46 -9.04
C CYS A 149 -9.51 5.91 -9.14
N PHE A 150 -9.82 6.56 -10.26
CA PHE A 150 -9.43 7.95 -10.45
C PHE A 150 -10.62 8.86 -10.72
N VAL A 151 -10.47 10.14 -10.40
CA VAL A 151 -11.51 11.13 -10.62
C VAL A 151 -10.88 12.37 -11.26
N LYS A 152 -11.72 13.31 -11.69
CA LYS A 152 -11.23 14.53 -12.29
C LYS A 152 -10.95 15.52 -11.17
N GLY A 153 -9.95 16.38 -11.35
CA GLY A 153 -9.62 17.34 -10.32
C GLY A 153 -10.80 18.26 -10.01
N GLU B 4 -10.58 15.48 9.47
CA GLU B 4 -9.28 14.89 9.93
C GLU B 4 -8.22 15.10 8.85
N ASP B 5 -7.29 16.02 9.12
CA ASP B 5 -6.22 16.33 8.17
C ASP B 5 -5.49 15.08 7.71
N PHE B 6 -4.88 15.17 6.54
CA PHE B 6 -4.10 14.06 6.00
C PHE B 6 -3.05 14.56 5.04
N TYR B 7 -1.91 13.88 5.04
CA TYR B 7 -0.81 14.22 4.16
C TYR B 7 0.21 13.11 4.18
N LEU B 8 0.76 12.82 3.02
CA LEU B 8 1.79 11.80 2.94
C LEU B 8 2.73 12.13 1.80
N ARG B 9 4.02 12.02 2.10
CA ARG B 9 5.03 12.27 1.12
C ARG B 9 6.17 11.30 1.41
N TYR B 10 6.70 10.71 0.36
CA TYR B 10 7.80 9.79 0.49
C TYR B 10 8.85 10.16 -0.53
N TYR B 11 10.10 10.19 -0.08
CA TYR B 11 11.20 10.53 -0.95
C TYR B 11 12.37 9.58 -0.71
N VAL B 12 13.03 9.22 -1.80
CA VAL B 12 14.20 8.35 -1.72
C VAL B 12 15.17 8.78 -2.82
N GLY B 13 16.44 8.92 -2.46
CA GLY B 13 17.43 9.31 -3.45
C GLY B 13 18.78 9.63 -2.83
N HIS B 20 21.37 13.94 -9.43
CA HIS B 20 20.36 13.75 -8.41
C HIS B 20 19.31 12.74 -8.85
N GLU B 21 19.53 11.47 -8.52
CA GLU B 21 18.58 10.41 -8.86
C GLU B 21 17.62 10.29 -7.69
N PHE B 22 16.34 10.15 -7.98
CA PHE B 22 15.37 10.05 -6.90
C PHE B 22 13.98 9.60 -7.34
N LEU B 23 13.18 9.24 -6.34
CA LEU B 23 11.81 8.81 -6.53
C LEU B 23 11.02 9.56 -5.47
N GLU B 24 9.92 10.18 -5.87
CA GLU B 24 9.12 10.92 -4.91
C GLU B 24 7.64 10.91 -5.26
N PHE B 25 6.79 10.75 -4.26
CA PHE B 25 5.36 10.79 -4.46
C PHE B 25 4.67 11.39 -3.26
N GLU B 26 3.56 12.07 -3.51
CA GLU B 26 2.83 12.75 -2.46
C GLU B 26 1.34 12.69 -2.64
N PHE B 27 0.62 12.52 -1.54
CA PHE B 27 -0.84 12.50 -1.55
C PHE B 27 -1.32 13.69 -0.74
N ARG B 28 -2.02 14.62 -1.40
CA ARG B 28 -2.59 15.77 -0.70
C ARG B 28 -3.94 15.32 -0.16
N PRO B 29 -4.51 16.06 0.80
CA PRO B 29 -5.81 15.73 1.41
C PRO B 29 -6.95 15.56 0.42
N ASP B 30 -6.93 16.32 -0.67
CA ASP B 30 -7.98 16.27 -1.68
C ASP B 30 -7.85 15.09 -2.63
N GLY B 31 -6.86 14.23 -2.38
CA GLY B 31 -6.67 13.06 -3.22
C GLY B 31 -5.72 13.24 -4.39
N LYS B 32 -5.10 14.41 -4.47
CA LYS B 32 -4.17 14.66 -5.56
C LYS B 32 -2.89 13.87 -5.34
N LEU B 33 -2.52 13.05 -6.31
CA LEU B 33 -1.31 12.24 -6.23
C LEU B 33 -0.26 12.79 -7.20
N ARG B 34 0.90 13.16 -6.64
CA ARG B 34 2.00 13.68 -7.44
C ARG B 34 3.10 12.63 -7.44
N TYR B 35 3.63 12.35 -8.63
CA TYR B 35 4.68 11.35 -8.79
C TYR B 35 5.84 11.93 -9.58
N ALA B 36 7.05 11.59 -9.16
CA ALA B 36 8.27 12.06 -9.82
C ALA B 36 9.39 11.05 -9.63
N ASN B 37 10.05 10.70 -10.72
CA ASN B 37 11.15 9.74 -10.66
C ASN B 37 12.18 10.09 -11.75
N MET B 46 13.38 12.32 -17.12
CA MET B 46 12.57 12.49 -15.93
C MET B 46 11.13 12.07 -16.20
N ILE B 47 10.39 11.77 -15.14
CA ILE B 47 8.99 11.35 -15.26
C ILE B 47 8.18 11.98 -14.12
N ARG B 48 7.30 12.91 -14.49
CA ARG B 48 6.46 13.59 -13.51
C ARG B 48 4.99 13.41 -13.88
N LYS B 49 4.27 12.67 -13.06
CA LYS B 49 2.85 12.42 -13.30
C LYS B 49 1.97 13.00 -12.20
N GLU B 50 0.74 13.32 -12.56
CA GLU B 50 -0.22 13.88 -11.62
C GLU B 50 -1.61 13.31 -11.91
N ALA B 51 -2.32 12.95 -10.85
CA ALA B 51 -3.66 12.40 -10.99
C ALA B 51 -4.41 12.50 -9.67
N PHE B 52 -5.73 12.53 -9.75
CA PHE B 52 -6.56 12.60 -8.56
C PHE B 52 -7.19 11.23 -8.33
N VAL B 53 -6.97 10.67 -7.14
CA VAL B 53 -7.51 9.36 -6.79
C VAL B 53 -8.85 9.50 -6.07
N HIS B 54 -9.70 8.50 -6.27
CA HIS B 54 -11.02 8.46 -5.65
C HIS B 54 -10.85 8.37 -4.13
N GLN B 55 -11.87 8.76 -3.38
CA GLN B 55 -11.81 8.73 -1.93
C GLN B 55 -11.56 7.32 -1.38
N SER B 56 -11.97 6.30 -2.13
CA SER B 56 -11.77 4.92 -1.67
C SER B 56 -10.27 4.62 -1.60
N VAL B 57 -9.49 5.21 -2.50
CA VAL B 57 -8.04 5.00 -2.52
C VAL B 57 -7.43 5.66 -1.29
N MET B 58 -7.90 6.87 -0.98
CA MET B 58 -7.41 7.60 0.18
C MET B 58 -7.76 6.86 1.46
N GLU B 59 -8.95 6.27 1.49
CA GLU B 59 -9.42 5.51 2.65
C GLU B 59 -8.52 4.29 2.86
N GLU B 60 -8.18 3.60 1.78
CA GLU B 60 -7.33 2.41 1.86
C GLU B 60 -5.90 2.78 2.28
N LEU B 61 -5.40 3.91 1.79
CA LEU B 61 -4.07 4.37 2.14
C LEU B 61 -4.01 4.59 3.65
N LYS B 62 -5.00 5.30 4.19
CA LYS B 62 -5.06 5.57 5.60
C LYS B 62 -5.13 4.28 6.42
N ARG B 63 -5.91 3.32 5.93
CA ARG B 63 -6.04 2.05 6.64
C ARG B 63 -4.69 1.34 6.73
N ILE B 64 -3.94 1.33 5.62
CA ILE B 64 -2.64 0.69 5.58
C ILE B 64 -1.68 1.37 6.55
N ILE B 65 -1.71 2.70 6.55
CA ILE B 65 -0.84 3.46 7.44
C ILE B 65 -1.16 3.18 8.91
N ILE B 66 -2.45 3.22 9.25
CA ILE B 66 -2.85 2.97 10.63
C ILE B 66 -2.49 1.54 11.03
N ASP B 67 -2.72 0.58 10.14
CA ASP B 67 -2.39 -0.80 10.45
C ASP B 67 -0.90 -1.03 10.66
N SER B 68 -0.06 -0.24 9.98
CA SER B 68 1.39 -0.38 10.10
C SER B 68 1.90 0.12 11.44
N GLU B 69 1.11 0.94 12.11
CA GLU B 69 1.48 1.51 13.40
C GLU B 69 2.71 2.41 13.27
N ILE B 70 3.06 2.75 12.03
CA ILE B 70 4.23 3.61 11.78
C ILE B 70 4.16 4.94 12.52
N MET B 71 2.94 5.39 12.83
CA MET B 71 2.77 6.66 13.54
C MET B 71 3.27 6.59 14.98
N GLN B 72 3.49 5.38 15.49
CA GLN B 72 3.98 5.20 16.87
C GLN B 72 5.49 4.97 16.93
N GLU B 73 6.17 5.07 15.80
CA GLU B 73 7.62 4.86 15.75
C GLU B 73 8.42 6.15 15.91
N ASP B 74 9.70 5.99 16.20
CA ASP B 74 10.64 7.10 16.37
C ASP B 74 11.87 6.74 15.52
N ASP B 75 12.34 7.67 14.69
CA ASP B 75 13.49 7.38 13.84
C ASP B 75 14.86 7.70 14.44
N LEU B 76 14.89 8.06 15.71
CA LEU B 76 16.15 8.42 16.35
C LEU B 76 17.26 7.36 16.20
N PRO B 77 16.94 6.09 16.52
CA PRO B 77 17.94 5.02 16.40
C PRO B 77 18.29 4.61 14.98
N TRP B 78 17.49 5.06 14.01
CA TRP B 78 17.73 4.69 12.62
C TRP B 78 18.86 5.49 11.98
N PRO B 79 19.55 4.88 10.99
CA PRO B 79 20.66 5.50 10.26
C PRO B 79 20.29 6.83 9.60
N PRO B 80 21.15 7.85 9.78
CA PRO B 80 20.88 9.16 9.17
C PRO B 80 21.18 9.10 7.69
N PRO B 81 20.75 10.12 6.92
CA PRO B 81 21.00 10.13 5.48
C PRO B 81 22.47 9.82 5.19
N ASP B 82 22.70 8.82 4.34
CA ASP B 82 24.07 8.41 4.00
C ASP B 82 24.56 9.11 2.74
N ARG B 83 25.62 8.56 2.16
CA ARG B 83 26.21 9.11 0.95
C ARG B 83 25.54 8.44 -0.25
N VAL B 84 25.12 7.20 -0.07
CA VAL B 84 24.46 6.44 -1.12
C VAL B 84 23.06 6.99 -1.35
N GLY B 85 22.56 7.75 -0.38
CA GLY B 85 21.23 8.32 -0.50
C GLY B 85 20.51 8.52 0.82
N ARG B 86 19.28 9.01 0.74
CA ARG B 86 18.46 9.23 1.93
C ARG B 86 17.00 8.95 1.63
N GLN B 87 16.21 8.82 2.70
CA GLN B 87 14.77 8.57 2.58
C GLN B 87 14.07 9.54 3.50
N GLU B 88 12.90 10.01 3.08
CA GLU B 88 12.11 10.92 3.88
C GLU B 88 10.66 10.43 3.89
N LEU B 89 10.05 10.35 5.06
CA LEU B 89 8.66 9.94 5.15
C LEU B 89 7.94 10.91 6.04
N GLU B 90 7.01 11.66 5.45
CA GLU B 90 6.22 12.63 6.19
C GLU B 90 4.77 12.19 6.11
N ILE B 91 4.13 12.07 7.26
CA ILE B 91 2.74 11.66 7.28
C ILE B 91 1.97 12.42 8.36
N VAL B 92 0.77 12.86 8.00
CA VAL B 92 -0.10 13.56 8.92
C VAL B 92 -1.47 12.90 8.87
N ILE B 93 -1.98 12.49 10.03
CA ILE B 93 -3.31 11.90 10.13
C ILE B 93 -3.96 12.51 11.35
N GLY B 94 -4.87 13.45 11.11
CA GLY B 94 -5.53 14.11 12.21
C GLY B 94 -4.55 15.04 12.90
N ASP B 95 -4.35 14.85 14.20
CA ASP B 95 -3.43 15.67 14.96
C ASP B 95 -2.06 15.00 15.04
N GLU B 96 -2.02 13.73 14.66
CA GLU B 96 -0.78 12.95 14.69
C GLU B 96 0.04 13.20 13.43
N HIS B 97 1.36 13.15 13.57
CA HIS B 97 2.23 13.36 12.43
C HIS B 97 3.63 12.82 12.69
N ILE B 98 4.33 12.50 11.61
CA ILE B 98 5.69 12.00 11.72
C ILE B 98 6.50 12.57 10.57
N SER B 99 7.80 12.66 10.78
CA SER B 99 8.72 13.16 9.77
C SER B 99 10.00 12.39 10.00
N PHE B 100 10.20 11.35 9.19
CA PHE B 100 11.38 10.50 9.31
C PHE B 100 12.39 10.78 8.21
N THR B 101 13.66 10.65 8.56
CA THR B 101 14.73 10.86 7.61
C THR B 101 15.77 9.77 7.90
N THR B 102 16.11 9.00 6.88
CA THR B 102 17.08 7.93 7.06
C THR B 102 17.91 7.77 5.80
N SER B 103 18.76 6.75 5.80
CA SER B 103 19.59 6.45 4.65
C SER B 103 18.76 5.47 3.83
N LYS B 104 19.26 5.06 2.68
CA LYS B 104 18.53 4.12 1.87
C LYS B 104 18.42 2.79 2.59
N THR B 105 17.39 2.02 2.24
CA THR B 105 17.16 0.72 2.85
C THR B 105 16.71 -0.25 1.76
N GLY B 106 17.64 -0.60 0.88
CA GLY B 106 17.33 -1.48 -0.23
C GLY B 106 16.89 -2.89 0.12
N SER B 107 17.22 -3.39 1.31
CA SER B 107 16.82 -4.74 1.68
C SER B 107 16.73 -4.93 3.20
N LEU B 108 16.21 -6.09 3.59
CA LEU B 108 16.07 -6.43 5.00
C LEU B 108 17.41 -6.62 5.68
N VAL B 109 18.39 -7.09 4.93
CA VAL B 109 19.73 -7.31 5.49
C VAL B 109 20.30 -5.99 5.97
N ASP B 110 19.89 -4.90 5.33
CA ASP B 110 20.35 -3.57 5.69
C ASP B 110 19.58 -3.08 6.91
N VAL B 111 18.32 -3.51 7.02
CA VAL B 111 17.47 -3.13 8.13
C VAL B 111 17.94 -3.83 9.40
N ASN B 112 18.19 -5.14 9.27
CA ASN B 112 18.64 -5.95 10.40
C ASN B 112 20.04 -5.61 10.87
N ARG B 113 20.63 -4.57 10.29
CA ARG B 113 21.97 -4.15 10.67
C ARG B 113 21.97 -2.80 11.39
N SER B 114 20.82 -2.44 11.95
CA SER B 114 20.68 -1.18 12.67
C SER B 114 20.46 -1.41 14.16
N LYS B 115 20.48 -0.34 14.95
CA LYS B 115 20.30 -0.42 16.39
C LYS B 115 18.89 -0.87 16.76
N ASP B 116 17.90 -0.42 15.99
CA ASP B 116 16.50 -0.77 16.22
C ASP B 116 15.97 -1.41 14.95
N PRO B 117 16.38 -2.66 14.67
CA PRO B 117 15.97 -3.41 13.48
C PRO B 117 14.46 -3.64 13.37
N GLU B 118 13.81 -3.90 14.51
CA GLU B 118 12.37 -4.15 14.50
C GLU B 118 11.59 -2.91 14.10
N GLY B 119 12.03 -1.75 14.58
CA GLY B 119 11.35 -0.51 14.24
C GLY B 119 11.60 -0.15 12.79
N LEU B 120 12.85 -0.31 12.35
CA LEU B 120 13.21 0.01 10.99
C LEU B 120 12.54 -0.93 10.00
N ARG B 121 12.22 -2.15 10.43
CA ARG B 121 11.56 -3.08 9.52
C ARG B 121 10.12 -2.67 9.30
N CYS B 122 9.51 -2.05 10.31
CA CYS B 122 8.14 -1.58 10.16
C CYS B 122 8.15 -0.46 9.13
N PHE B 123 9.19 0.36 9.18
CA PHE B 123 9.35 1.46 8.23
C PHE B 123 9.57 0.88 6.82
N TYR B 124 10.46 -0.10 6.74
CA TYR B 124 10.80 -0.75 5.48
C TYR B 124 9.57 -1.35 4.80
N TYR B 125 8.76 -2.06 5.59
CA TYR B 125 7.56 -2.68 5.03
C TYR B 125 6.47 -1.70 4.67
N LEU B 126 6.29 -0.65 5.48
CA LEU B 126 5.28 0.34 5.15
C LEU B 126 5.67 1.02 3.83
N VAL B 127 6.94 1.38 3.71
CA VAL B 127 7.42 2.02 2.49
C VAL B 127 7.20 1.09 1.30
N GLN B 128 7.46 -0.19 1.50
CA GLN B 128 7.26 -1.17 0.44
C GLN B 128 5.80 -1.22 0.02
N ASP B 129 4.89 -1.20 0.99
CA ASP B 129 3.45 -1.22 0.71
C ASP B 129 3.03 0.04 -0.04
N LEU B 130 3.54 1.20 0.41
CA LEU B 130 3.20 2.47 -0.24
C LEU B 130 3.69 2.49 -1.69
N LYS B 131 4.92 2.04 -1.92
CA LYS B 131 5.45 2.02 -3.28
C LYS B 131 4.64 1.09 -4.19
N CYS B 132 4.25 -0.06 -3.65
CA CYS B 132 3.49 -1.02 -4.43
C CYS B 132 2.17 -0.38 -4.90
N LEU B 133 1.50 0.31 -3.99
CA LEU B 133 0.24 0.97 -4.32
C LEU B 133 0.44 2.10 -5.34
N VAL B 134 1.43 2.95 -5.12
CA VAL B 134 1.70 4.05 -6.03
C VAL B 134 2.13 3.57 -7.42
N PHE B 135 3.01 2.58 -7.47
CA PHE B 135 3.47 2.02 -8.73
C PHE B 135 2.29 1.46 -9.53
N SER B 136 1.34 0.82 -8.84
CA SER B 136 0.16 0.27 -9.50
C SER B 136 -0.73 1.39 -10.04
N LEU B 137 -0.95 2.41 -9.23
CA LEU B 137 -1.79 3.55 -9.64
C LEU B 137 -1.20 4.29 -10.83
N ILE B 138 0.06 4.71 -10.70
CA ILE B 138 0.71 5.46 -11.77
C ILE B 138 0.97 4.59 -13.00
N GLY B 139 1.47 3.39 -12.78
CA GLY B 139 1.77 2.49 -13.89
C GLY B 139 0.58 2.13 -14.75
N LEU B 140 -0.53 1.76 -14.13
CA LEU B 140 -1.73 1.40 -14.88
C LEU B 140 -2.45 2.61 -15.45
N HIS B 141 -2.48 3.70 -14.70
CA HIS B 141 -3.17 4.90 -15.18
C HIS B 141 -2.47 5.53 -16.38
N PHE B 142 -1.14 5.58 -16.34
CA PHE B 142 -0.38 6.20 -17.43
C PHE B 142 0.29 5.17 -18.34
N LYS B 143 -0.01 3.90 -18.12
CA LYS B 143 0.56 2.82 -18.91
C LYS B 143 2.08 2.96 -18.99
N ILE B 144 2.68 3.15 -17.82
CA ILE B 144 4.12 3.29 -17.70
C ILE B 144 4.73 1.91 -17.50
N THR C 3 12.28 -13.73 13.85
CA THR C 3 11.75 -14.82 14.71
C THR C 3 10.25 -15.05 14.47
N TYR C 4 9.87 -16.31 14.29
CA TYR C 4 8.48 -16.67 14.09
C TYR C 4 8.06 -17.56 15.25
N LEU C 5 6.95 -17.20 15.89
CA LEU C 5 6.44 -17.99 17.00
C LEU C 5 5.12 -18.60 16.58
N GLN C 6 5.10 -19.93 16.47
CA GLN C 6 3.90 -20.64 16.06
C GLN C 6 2.87 -20.73 17.18
N SER C 7 1.63 -20.35 16.86
CA SER C 7 0.55 -20.43 17.82
C SER C 7 -0.23 -21.66 17.38
N SER C 8 -1.40 -21.88 17.97
CA SER C 8 -2.20 -23.03 17.59
C SER C 8 -2.89 -22.79 16.25
N GLU C 9 -2.86 -21.56 15.76
CA GLU C 9 -3.53 -21.27 14.49
C GLU C 9 -2.58 -20.98 13.35
N GLY C 10 -1.28 -21.07 13.60
CA GLY C 10 -0.30 -20.81 12.57
C GLY C 10 0.85 -20.02 13.15
N LYS C 11 1.79 -19.59 12.31
CA LYS C 11 2.93 -18.83 12.79
C LYS C 11 2.65 -17.34 12.70
N PHE C 12 3.33 -16.58 13.55
CA PHE C 12 3.15 -15.13 13.58
C PHE C 12 4.42 -14.42 14.00
N ILE C 13 4.50 -13.15 13.65
CA ILE C 13 5.63 -12.31 14.01
C ILE C 13 5.29 -11.82 15.42
N PRO C 14 6.12 -12.18 16.41
CA PRO C 14 5.82 -11.75 17.78
C PRO C 14 5.90 -10.24 18.00
N ALA C 15 5.14 -9.77 18.99
CA ALA C 15 5.14 -8.35 19.33
C ALA C 15 6.52 -7.99 19.84
N THR C 16 6.90 -6.72 19.67
CA THR C 16 8.21 -6.26 20.13
C THR C 16 8.04 -4.94 20.85
N LYS C 17 8.96 -4.64 21.76
CA LYS C 17 8.90 -3.41 22.53
C LYS C 17 9.68 -2.30 21.82
N ARG C 18 9.07 -1.12 21.74
CA ARG C 18 9.72 0.01 21.11
C ARG C 18 10.61 0.70 22.15
N PRO C 19 11.61 1.47 21.70
CA PRO C 19 12.49 2.15 22.65
C PRO C 19 11.72 2.96 23.70
N ASP C 20 10.56 3.49 23.31
CA ASP C 20 9.76 4.29 24.23
C ASP C 20 8.89 3.47 25.19
N GLY C 21 9.06 2.15 25.17
CA GLY C 21 8.30 1.30 26.07
C GLY C 21 7.00 0.70 25.55
N THR C 22 6.42 1.30 24.52
CA THR C 22 5.18 0.78 23.95
C THR C 22 5.46 -0.50 23.15
N TRP C 23 4.39 -1.24 22.84
CA TRP C 23 4.56 -2.48 22.10
C TRP C 23 3.98 -2.49 20.69
N ARG C 24 4.74 -3.08 19.76
CA ARG C 24 4.29 -3.21 18.37
C ARG C 24 3.47 -4.50 18.37
N LYS C 25 2.30 -4.47 17.72
CA LYS C 25 1.44 -5.64 17.68
C LYS C 25 2.00 -6.85 16.95
N ALA C 26 1.52 -8.03 17.32
CA ALA C 26 1.94 -9.27 16.69
C ALA C 26 1.22 -9.35 15.35
N ARG C 27 1.81 -10.04 14.38
CA ARG C 27 1.21 -10.16 13.06
C ARG C 27 1.21 -11.59 12.52
N ARG C 28 0.03 -12.10 12.19
CA ARG C 28 -0.07 -13.45 11.65
C ARG C 28 0.55 -13.47 10.26
N VAL C 29 1.15 -14.60 9.91
CA VAL C 29 1.77 -14.80 8.60
C VAL C 29 1.04 -15.94 7.90
N LYS C 30 0.82 -15.79 6.60
CA LYS C 30 0.12 -16.82 5.83
C LYS C 30 0.79 -18.19 5.92
N ASP C 31 -0.01 -19.24 6.07
CA ASP C 31 0.53 -20.59 6.17
C ASP C 31 1.41 -20.94 4.97
N GLY C 32 2.64 -21.34 5.25
CA GLY C 32 3.57 -21.74 4.20
C GLY C 32 4.27 -20.59 3.48
N TYR C 33 4.21 -19.39 4.05
CA TYR C 33 4.85 -18.23 3.43
C TYR C 33 6.16 -17.81 4.06
N VAL C 34 7.11 -17.46 3.20
CA VAL C 34 8.42 -16.99 3.59
C VAL C 34 9.01 -16.25 2.39
N PRO C 35 9.35 -14.96 2.55
CA PRO C 35 9.91 -14.17 1.46
C PRO C 35 11.14 -14.80 0.81
CA CA D . -23.92 -10.39 1.22
CA CA E . -11.44 -19.78 -7.43
CA CA F . -8.48 -19.13 -5.01
#